data_2PX3
#
_entry.id   2PX3
#
_cell.length_a   80.965
_cell.length_b   80.965
_cell.length_c   126.137
_cell.angle_alpha   90.00
_cell.angle_beta   90.00
_cell.angle_gamma   90.00
#
_symmetry.space_group_name_H-M   'P 41 21 2'
#
loop_
_entity.id
_entity.type
_entity.pdbx_description
1 polymer 'Flagellar biosynthesis protein flhF'
2 non-polymer 'MAGNESIUM ION'
3 non-polymer "GUANOSINE-5'-TRIPHOSPHATE"
4 water water
#
_entity_poly.entity_id   1
_entity_poly.type   'polypeptide(L)'
_entity_poly.pdbx_seq_one_letter_code
;MGHHHHHHSSPKIEERTYPPQIPAQQELGDFSAYQSVLPEPLRKAEKLLQETGIKESTKTNTLKKLLRFSVEAGGLTEEN
VVGKLQEILCDMLPSADKWQEPIHSKYIVLFGSTGAGKTTTLAKLAAISMLEKHKKIAFITTDTYRIAAVEQLKTYAELL
QAPLEVCYTKEEFQQAKELFSEYDHVFVDTAGRNFKDPQYIDELKETIPFESSIQSFLVLSATAKYEDMKHIVKRFSSVP
VNQYIFTKIDETTSLGSVFNILAESKIGVGFMTNGQNVPEDIQTVSPLGFVRMLCR
;
_entity_poly.pdbx_strand_id   A
#
loop_
_chem_comp.id
_chem_comp.type
_chem_comp.name
_chem_comp.formula
GTP non-polymer GUANOSINE-5'-TRIPHOSPHATE 'C10 H16 N5 O14 P3'
MG non-polymer 'MAGNESIUM ION' 'Mg 2'
#
# COMPACT_ATOMS: atom_id res chain seq x y z
N PRO A 39 -0.30 17.58 31.99
CA PRO A 39 0.26 18.89 32.38
C PRO A 39 -0.05 20.05 31.42
N GLU A 40 0.98 20.58 30.78
CA GLU A 40 0.84 21.71 29.86
C GLU A 40 0.23 21.25 28.52
N PRO A 41 0.77 21.72 27.37
CA PRO A 41 0.12 21.19 26.17
C PRO A 41 0.41 19.70 26.01
N LEU A 42 1.16 19.14 26.95
CA LEU A 42 1.50 17.72 26.91
C LEU A 42 0.28 16.87 27.22
N ARG A 43 -0.68 17.42 27.96
CA ARG A 43 -1.90 16.69 28.29
C ARG A 43 -2.87 16.74 27.12
N LYS A 44 -2.76 17.80 26.32
CA LYS A 44 -3.61 17.96 25.14
C LYS A 44 -3.21 16.89 24.12
N ALA A 45 -1.91 16.61 24.06
CA ALA A 45 -1.36 15.61 23.15
C ALA A 45 -1.71 14.18 23.55
N GLU A 46 -1.38 13.81 24.78
CA GLU A 46 -1.65 12.46 25.28
C GLU A 46 -3.06 12.02 24.89
N LYS A 47 -4.03 12.88 25.15
CA LYS A 47 -5.42 12.59 24.83
C LYS A 47 -5.49 12.26 23.36
N LEU A 48 -5.13 13.23 22.51
CA LEU A 48 -5.16 13.04 21.07
C LEU A 48 -4.50 11.74 20.64
N LEU A 49 -3.25 11.53 21.06
CA LEU A 49 -2.52 10.31 20.69
C LEU A 49 -3.19 9.00 21.11
N GLN A 50 -3.66 8.94 22.35
CA GLN A 50 -4.29 7.72 22.87
C GLN A 50 -5.43 7.20 22.01
N GLU A 51 -6.10 8.08 21.28
CA GLU A 51 -7.22 7.68 20.42
C GLU A 51 -6.82 6.89 19.19
N THR A 52 -5.59 7.06 18.73
CA THR A 52 -5.09 6.35 17.57
C THR A 52 -4.73 4.93 17.99
N GLY A 53 -4.98 3.94 17.13
CA GLY A 53 -4.65 2.57 17.51
C GLY A 53 -3.17 2.31 17.68
N ILE A 54 -2.39 3.38 17.63
CA ILE A 54 -0.94 3.31 17.71
C ILE A 54 -0.40 2.51 18.89
N LYS A 55 0.70 1.79 18.61
CA LYS A 55 1.40 0.96 19.59
C LYS A 55 1.59 1.73 20.90
N GLU A 56 1.27 1.07 22.00
CA GLU A 56 1.38 1.67 23.33
C GLU A 56 2.73 2.34 23.63
N SER A 57 3.82 1.67 23.26
CA SER A 57 5.14 2.24 23.49
C SER A 57 5.18 3.60 22.80
N THR A 58 5.06 3.57 21.47
CA THR A 58 5.08 4.77 20.64
C THR A 58 4.38 5.97 21.26
N LYS A 59 3.22 5.76 21.87
CA LYS A 59 2.51 6.86 22.50
C LYS A 59 3.53 7.52 23.43
N THR A 60 4.02 6.71 24.37
CA THR A 60 5.01 7.12 25.36
C THR A 60 6.15 7.91 24.75
N ASN A 61 6.96 7.25 23.94
CA ASN A 61 8.10 7.89 23.29
C ASN A 61 7.76 9.27 22.75
N THR A 62 6.73 9.32 21.90
CA THR A 62 6.26 10.56 21.27
C THR A 62 6.04 11.69 22.27
N LEU A 63 5.49 11.36 23.44
CA LEU A 63 5.25 12.36 24.47
C LEU A 63 6.61 12.87 24.97
N LYS A 64 7.52 11.92 25.23
CA LYS A 64 8.86 12.26 25.67
C LYS A 64 9.52 13.20 24.68
N LYS A 65 9.46 12.85 23.41
CA LYS A 65 10.03 13.67 22.36
C LYS A 65 9.42 15.06 22.40
N LEU A 66 8.16 15.15 22.84
CA LEU A 66 7.50 16.45 22.94
C LEU A 66 8.06 17.20 24.13
N LEU A 67 8.04 16.56 25.30
CA LEU A 67 8.55 17.12 26.55
C LEU A 67 9.94 17.70 26.31
N ARG A 68 10.75 16.92 25.60
CA ARG A 68 12.11 17.32 25.28
C ARG A 68 12.10 18.58 24.44
N PHE A 69 11.28 18.62 23.39
CA PHE A 69 11.21 19.83 22.57
C PHE A 69 10.81 20.93 23.55
N SER A 70 9.70 20.70 24.24
CA SER A 70 9.19 21.62 25.23
C SER A 70 10.38 22.12 26.05
N VAL A 71 11.12 21.18 26.62
CA VAL A 71 12.28 21.49 27.44
C VAL A 71 13.46 22.18 26.78
N GLU A 72 14.09 21.54 25.81
CA GLU A 72 15.26 22.14 25.17
C GLU A 72 15.05 22.83 23.85
N ALA A 73 13.93 23.55 23.70
CA ALA A 73 13.68 24.26 22.46
C ALA A 73 12.94 25.54 22.71
N GLY A 74 11.82 25.43 23.41
CA GLY A 74 11.03 26.62 23.71
C GLY A 74 9.61 26.25 24.04
N GLY A 75 9.33 26.23 25.35
CA GLY A 75 8.00 25.90 25.85
C GLY A 75 6.93 25.64 24.81
N LEU A 76 6.34 24.45 24.87
CA LEU A 76 5.29 24.08 23.95
C LEU A 76 3.98 24.77 24.30
N THR A 77 3.40 25.47 23.34
CA THR A 77 2.13 26.15 23.55
C THR A 77 1.04 25.26 22.97
N GLU A 78 -0.14 25.31 23.57
CA GLU A 78 -1.27 24.52 23.09
C GLU A 78 -1.61 24.87 21.63
N GLU A 79 -0.74 25.64 20.99
CA GLU A 79 -0.92 26.02 19.60
C GLU A 79 -0.25 25.07 18.61
N ASN A 80 1.06 24.85 18.78
CA ASN A 80 1.81 23.97 17.88
C ASN A 80 2.15 22.59 18.44
N VAL A 81 1.36 22.11 19.39
CA VAL A 81 1.58 20.79 19.96
C VAL A 81 1.23 19.78 18.89
N VAL A 82 0.03 19.96 18.33
CA VAL A 82 -0.47 19.09 17.28
C VAL A 82 0.41 19.23 16.03
N GLY A 83 1.35 20.15 16.08
CA GLY A 83 2.25 20.35 14.96
C GLY A 83 3.50 19.53 15.15
N LYS A 84 4.00 19.50 16.39
CA LYS A 84 5.20 18.75 16.74
C LYS A 84 4.78 17.28 16.79
N LEU A 85 3.58 17.06 17.33
CA LEU A 85 3.02 15.73 17.46
C LEU A 85 2.99 15.05 16.09
N GLN A 86 2.29 15.65 15.15
CA GLN A 86 2.21 15.13 13.80
C GLN A 86 3.58 15.10 13.15
N GLU A 87 4.43 16.08 13.49
CA GLU A 87 5.78 16.16 12.93
C GLU A 87 6.62 14.99 13.44
N ILE A 88 6.45 14.64 14.71
CA ILE A 88 7.21 13.52 15.27
C ILE A 88 6.70 12.23 14.65
N LEU A 89 5.44 11.90 14.91
CA LEU A 89 4.85 10.67 14.36
C LEU A 89 5.26 10.56 12.90
N CYS A 90 5.32 11.71 12.25
CA CYS A 90 5.69 11.76 10.87
C CYS A 90 7.12 11.28 10.68
N ASP A 91 8.00 11.73 11.57
CA ASP A 91 9.41 11.39 11.52
C ASP A 91 9.70 9.91 11.76
N MET A 92 8.68 9.12 12.07
CA MET A 92 8.88 7.70 12.31
C MET A 92 8.59 6.95 11.03
N LEU A 93 7.62 7.43 10.27
CA LEU A 93 7.25 6.79 9.02
C LEU A 93 8.30 7.07 7.96
N PRO A 94 8.37 6.20 6.93
CA PRO A 94 9.36 6.40 5.86
C PRO A 94 9.33 7.82 5.30
N SER A 95 10.43 8.23 4.68
CA SER A 95 10.53 9.57 4.11
C SER A 95 9.34 9.81 3.18
N ALA A 96 8.90 11.06 3.13
CA ALA A 96 7.78 11.43 2.29
C ALA A 96 8.07 11.20 0.81
N ASP A 97 9.34 11.08 0.44
CA ASP A 97 9.70 10.85 -0.95
C ASP A 97 9.51 9.38 -1.34
N LYS A 98 9.11 8.57 -0.36
CA LYS A 98 8.90 7.14 -0.56
C LYS A 98 7.40 6.81 -0.50
N TRP A 99 6.56 7.82 -0.73
CA TRP A 99 5.11 7.69 -0.72
C TRP A 99 4.54 8.27 -2.02
N GLN A 100 5.39 8.40 -3.04
CA GLN A 100 4.94 8.98 -4.30
C GLN A 100 4.99 8.02 -5.47
N GLU A 101 6.15 7.91 -6.09
CA GLU A 101 6.37 7.04 -7.24
C GLU A 101 5.10 6.47 -7.86
N PRO A 102 4.24 7.35 -8.40
CA PRO A 102 2.99 6.88 -9.02
C PRO A 102 3.31 6.09 -10.28
N ILE A 103 2.33 5.35 -10.80
CA ILE A 103 2.53 4.55 -12.00
C ILE A 103 3.58 5.16 -12.91
N HIS A 104 4.63 4.39 -13.19
CA HIS A 104 5.74 4.86 -14.03
C HIS A 104 6.29 3.76 -14.93
N SER A 105 6.53 2.58 -14.35
CA SER A 105 7.08 1.45 -15.10
C SER A 105 6.07 0.77 -16.02
N LYS A 106 6.56 0.14 -17.08
CA LYS A 106 5.71 -0.52 -18.04
C LYS A 106 4.90 -1.64 -17.38
N TYR A 107 5.32 -2.05 -16.19
CA TYR A 107 4.65 -3.13 -15.49
C TYR A 107 4.27 -2.86 -14.05
N ILE A 108 2.99 -3.02 -13.75
CA ILE A 108 2.49 -2.82 -12.41
C ILE A 108 2.00 -4.16 -11.85
N VAL A 109 2.65 -4.61 -10.79
CA VAL A 109 2.29 -5.87 -10.14
C VAL A 109 1.74 -5.74 -8.72
N LEU A 110 0.54 -6.24 -8.52
CA LEU A 110 -0.07 -6.19 -7.20
C LEU A 110 -0.16 -7.62 -6.63
N PHE A 111 0.15 -7.76 -5.35
CA PHE A 111 0.07 -9.07 -4.71
C PHE A 111 -0.11 -8.98 -3.19
N GLY A 112 -0.43 -10.12 -2.58
CA GLY A 112 -0.63 -10.12 -1.14
C GLY A 112 -2.01 -10.58 -0.71
N SER A 113 -2.19 -10.59 0.61
CA SER A 113 -3.41 -11.00 1.29
C SER A 113 -4.67 -11.31 0.50
N THR A 114 -5.26 -12.46 0.79
CA THR A 114 -6.48 -12.94 0.15
C THR A 114 -7.67 -12.04 0.49
N GLY A 115 -8.41 -11.61 -0.54
CA GLY A 115 -9.58 -10.79 -0.33
C GLY A 115 -9.33 -9.31 -0.09
N ALA A 116 -8.08 -8.91 0.13
CA ALA A 116 -7.75 -7.51 0.40
C ALA A 116 -8.15 -6.53 -0.70
N GLY A 117 -8.14 -6.99 -1.94
CA GLY A 117 -8.50 -6.12 -3.04
C GLY A 117 -7.40 -5.89 -4.06
N LYS A 118 -6.78 -6.97 -4.53
CA LYS A 118 -5.73 -6.86 -5.54
C LYS A 118 -6.38 -6.57 -6.89
N THR A 119 -7.31 -7.43 -7.31
CA THR A 119 -8.03 -7.25 -8.58
C THR A 119 -8.78 -5.92 -8.64
N THR A 120 -9.76 -5.76 -7.75
CA THR A 120 -10.54 -4.54 -7.70
C THR A 120 -9.65 -3.30 -7.77
N THR A 121 -8.55 -3.31 -7.02
CA THR A 121 -7.64 -2.17 -7.02
C THR A 121 -6.92 -2.02 -8.34
N LEU A 122 -6.45 -3.13 -8.89
CA LEU A 122 -5.74 -3.11 -10.16
C LEU A 122 -6.63 -2.47 -11.22
N ALA A 123 -7.88 -2.91 -11.29
CA ALA A 123 -8.84 -2.36 -12.25
C ALA A 123 -8.95 -0.85 -12.07
N LYS A 124 -8.86 -0.38 -10.84
CA LYS A 124 -8.97 1.05 -10.60
C LYS A 124 -7.79 1.77 -11.22
N LEU A 125 -6.58 1.37 -10.81
CA LEU A 125 -5.34 1.95 -11.32
C LEU A 125 -5.33 2.04 -12.84
N ALA A 126 -5.66 0.94 -13.51
CA ALA A 126 -5.68 0.91 -14.97
C ALA A 126 -6.62 2.00 -15.46
N ALA A 127 -7.86 1.92 -15.02
CA ALA A 127 -8.86 2.90 -15.40
C ALA A 127 -8.26 4.30 -15.20
N ILE A 128 -7.75 4.57 -13.99
CA ILE A 128 -7.14 5.86 -13.67
C ILE A 128 -6.22 6.29 -14.79
N SER A 129 -5.13 5.55 -14.99
CA SER A 129 -4.15 5.87 -16.02
C SER A 129 -4.67 5.76 -17.44
N MET A 130 -5.98 5.67 -17.61
CA MET A 130 -6.56 5.61 -18.95
C MET A 130 -7.40 6.87 -19.19
N LEU A 131 -7.74 7.56 -18.10
CA LEU A 131 -8.54 8.76 -18.17
C LEU A 131 -7.77 9.91 -17.56
N GLU A 132 -6.84 9.58 -16.66
CA GLU A 132 -6.01 10.58 -16.04
C GLU A 132 -4.62 10.54 -16.68
N LYS A 133 -4.53 9.84 -17.81
CA LYS A 133 -3.26 9.73 -18.52
C LYS A 133 -3.38 9.23 -19.95
N HIS A 134 -4.56 8.77 -20.32
CA HIS A 134 -4.80 8.30 -21.69
C HIS A 134 -3.88 7.19 -22.18
N LYS A 135 -2.87 6.81 -21.38
CA LYS A 135 -1.93 5.77 -21.76
C LYS A 135 -2.60 4.46 -22.18
N LYS A 136 -1.80 3.55 -22.74
CA LYS A 136 -2.30 2.27 -23.18
C LYS A 136 -2.33 1.23 -22.07
N ILE A 137 -3.52 0.75 -21.74
CA ILE A 137 -3.73 -0.25 -20.70
C ILE A 137 -3.55 -1.68 -21.24
N ALA A 138 -2.92 -2.52 -20.42
CA ALA A 138 -2.69 -3.93 -20.77
C ALA A 138 -2.80 -4.76 -19.50
N PHE A 139 -3.37 -5.96 -19.63
CA PHE A 139 -3.54 -6.86 -18.50
C PHE A 139 -2.86 -8.22 -18.63
N ILE A 140 -2.39 -8.73 -17.50
CA ILE A 140 -1.78 -10.05 -17.42
C ILE A 140 -2.25 -10.56 -16.09
N THR A 141 -2.88 -11.74 -16.07
CA THR A 141 -3.30 -12.27 -14.80
C THR A 141 -2.47 -13.50 -14.51
N THR A 142 -2.06 -13.65 -13.26
CA THR A 142 -1.25 -14.78 -12.87
C THR A 142 -2.15 -15.65 -12.04
N ASP A 143 -3.36 -15.15 -11.79
CA ASP A 143 -4.32 -15.88 -10.98
C ASP A 143 -4.81 -17.08 -11.76
N THR A 144 -3.90 -18.03 -11.98
CA THR A 144 -4.22 -19.25 -12.70
C THR A 144 -5.34 -20.01 -12.01
N TYR A 145 -5.09 -20.44 -10.77
CA TYR A 145 -6.07 -21.18 -9.98
C TYR A 145 -7.22 -20.26 -9.53
N ALA A 148 -11.99 -20.15 -12.38
CA ALA A 148 -13.10 -19.34 -11.87
C ALA A 148 -12.60 -17.94 -11.52
N ALA A 149 -11.67 -17.90 -10.57
CA ALA A 149 -11.08 -16.67 -10.08
C ALA A 149 -10.31 -15.86 -11.15
N VAL A 150 -10.84 -15.79 -12.37
CA VAL A 150 -10.15 -15.06 -13.44
C VAL A 150 -11.05 -14.45 -14.49
N GLU A 151 -12.33 -14.82 -14.48
CA GLU A 151 -13.27 -14.28 -15.47
C GLU A 151 -13.68 -12.87 -15.09
N GLN A 152 -13.47 -12.54 -13.82
CA GLN A 152 -13.78 -11.22 -13.30
C GLN A 152 -12.98 -10.17 -14.07
N LEU A 153 -11.66 -10.38 -14.16
CA LEU A 153 -10.77 -9.44 -14.85
C LEU A 153 -10.90 -9.41 -16.38
N LYS A 154 -11.31 -10.50 -17.01
CA LYS A 154 -11.43 -10.50 -18.46
C LYS A 154 -12.57 -9.57 -18.89
N THR A 155 -13.68 -9.66 -18.17
CA THR A 155 -14.83 -8.82 -18.48
C THR A 155 -14.49 -7.36 -18.21
N TYR A 156 -13.82 -7.09 -17.09
CA TYR A 156 -13.44 -5.72 -16.78
C TYR A 156 -12.51 -5.21 -17.88
N ALA A 157 -11.50 -6.02 -18.20
CA ALA A 157 -10.53 -5.70 -19.24
C ALA A 157 -11.29 -5.41 -20.52
N GLU A 158 -12.41 -6.12 -20.69
CA GLU A 158 -13.23 -5.97 -21.87
C GLU A 158 -13.95 -4.63 -21.85
N LEU A 159 -14.55 -4.28 -20.71
CA LEU A 159 -15.27 -3.02 -20.58
C LEU A 159 -14.41 -1.80 -20.90
N LEU A 160 -13.10 -1.96 -20.82
CA LEU A 160 -12.16 -0.88 -21.12
C LEU A 160 -11.50 -1.10 -22.46
N GLN A 161 -11.85 -2.20 -23.12
CA GLN A 161 -11.26 -2.57 -24.40
C GLN A 161 -9.75 -2.62 -24.24
N ALA A 162 -9.29 -3.54 -23.40
CA ALA A 162 -7.88 -3.72 -23.13
C ALA A 162 -7.59 -5.22 -23.11
N PRO A 163 -6.43 -5.63 -23.62
CA PRO A 163 -6.05 -7.04 -23.65
C PRO A 163 -5.46 -7.59 -22.34
N LEU A 164 -5.84 -8.80 -21.99
CA LEU A 164 -5.33 -9.44 -20.79
C LEU A 164 -4.79 -10.78 -21.23
N GLU A 165 -3.68 -11.20 -20.63
CA GLU A 165 -3.07 -12.48 -20.94
C GLU A 165 -2.97 -13.30 -19.66
N VAL A 166 -3.60 -14.47 -19.65
CA VAL A 166 -3.54 -15.33 -18.47
C VAL A 166 -2.25 -16.13 -18.60
N CYS A 167 -1.52 -16.27 -17.50
CA CYS A 167 -0.25 -16.97 -17.58
C CYS A 167 -0.03 -17.98 -16.47
N TYR A 168 0.25 -19.22 -16.86
CA TYR A 168 0.50 -20.29 -15.91
C TYR A 168 1.96 -20.41 -15.49
N THR A 169 2.84 -20.61 -16.46
CA THR A 169 4.27 -20.76 -16.17
C THR A 169 5.03 -19.46 -16.43
N LYS A 170 6.20 -19.33 -15.79
CA LYS A 170 7.03 -18.14 -15.95
C LYS A 170 7.27 -17.93 -17.43
N GLU A 171 7.22 -19.02 -18.18
CA GLU A 171 7.41 -18.97 -19.62
C GLU A 171 6.27 -18.17 -20.25
N GLU A 172 5.03 -18.58 -19.97
CA GLU A 172 3.87 -17.88 -20.50
C GLU A 172 3.86 -16.39 -20.17
N PHE A 173 4.16 -16.05 -18.92
CA PHE A 173 4.17 -14.66 -18.50
C PHE A 173 5.23 -13.88 -19.27
N GLN A 174 6.18 -14.58 -19.86
CA GLN A 174 7.25 -13.93 -20.61
C GLN A 174 6.83 -13.66 -22.05
N GLN A 175 6.13 -14.64 -22.64
CA GLN A 175 5.64 -14.50 -24.00
C GLN A 175 4.66 -13.32 -24.02
N ALA A 176 3.85 -13.24 -22.98
CA ALA A 176 2.86 -12.17 -22.84
C ALA A 176 3.48 -10.78 -22.82
N LYS A 177 4.67 -10.63 -22.24
CA LYS A 177 5.32 -9.32 -22.19
C LYS A 177 5.69 -8.83 -23.58
N GLU A 178 6.32 -9.68 -24.37
CA GLU A 178 6.70 -9.30 -25.73
C GLU A 178 5.50 -8.84 -26.54
N LEU A 179 4.36 -9.46 -26.29
CA LEU A 179 3.16 -9.08 -27.02
C LEU A 179 2.86 -7.61 -26.80
N PHE A 180 3.11 -7.13 -25.58
CA PHE A 180 2.87 -5.74 -25.24
C PHE A 180 4.20 -4.98 -25.24
N SER A 181 5.11 -5.41 -26.12
CA SER A 181 6.42 -4.78 -26.25
C SER A 181 6.21 -3.36 -26.75
N GLU A 182 4.98 -3.07 -27.14
CA GLU A 182 4.62 -1.77 -27.67
C GLU A 182 3.39 -1.20 -26.94
N TYR A 183 3.30 -1.48 -25.64
CA TYR A 183 2.20 -1.03 -24.79
C TYR A 183 2.69 -0.14 -23.67
N ASP A 184 1.85 0.80 -23.24
CA ASP A 184 2.19 1.74 -22.17
C ASP A 184 2.44 1.08 -20.83
N HIS A 185 1.36 0.70 -20.14
CA HIS A 185 1.46 0.04 -18.85
C HIS A 185 0.76 -1.32 -18.87
N VAL A 186 1.37 -2.28 -18.20
CA VAL A 186 0.80 -3.63 -18.14
C VAL A 186 0.55 -3.98 -16.68
N PHE A 187 -0.73 -4.03 -16.32
CA PHE A 187 -1.15 -4.35 -14.96
C PHE A 187 -1.20 -5.87 -14.77
N VAL A 188 -0.46 -6.35 -13.78
CA VAL A 188 -0.40 -7.76 -13.54
C VAL A 188 -1.07 -8.15 -12.25
N ASP A 189 -2.23 -8.79 -12.36
CA ASP A 189 -2.93 -9.25 -11.16
C ASP A 189 -2.38 -10.63 -10.85
N THR A 190 -2.23 -10.92 -9.57
CA THR A 190 -1.71 -12.20 -9.15
C THR A 190 -2.69 -12.87 -8.21
N ALA A 191 -2.66 -14.21 -8.18
CA ALA A 191 -3.53 -14.98 -7.32
C ALA A 191 -3.09 -14.78 -5.87
N GLY A 192 -4.05 -14.80 -4.95
CA GLY A 192 -3.70 -14.60 -3.55
C GLY A 192 -3.87 -15.81 -2.64
N ARG A 193 -2.94 -15.99 -1.72
CA ARG A 193 -3.06 -17.10 -0.82
C ARG A 193 -2.55 -16.77 0.56
N ASN A 194 -2.08 -17.82 1.23
CA ASN A 194 -1.53 -17.73 2.57
C ASN A 194 -0.03 -17.73 2.37
N PHE A 195 0.58 -16.56 2.19
CA PHE A 195 2.01 -16.54 1.97
C PHE A 195 2.82 -17.07 3.15
N LYS A 196 2.10 -17.62 4.13
CA LYS A 196 2.73 -18.21 5.30
C LYS A 196 3.48 -19.41 4.77
N ASP A 197 2.83 -20.15 3.89
CA ASP A 197 3.44 -21.31 3.25
C ASP A 197 4.55 -20.76 2.36
N PRO A 198 5.82 -21.14 2.63
CA PRO A 198 6.93 -20.63 1.81
C PRO A 198 6.78 -20.95 0.33
N GLN A 199 5.97 -21.96 0.02
CA GLN A 199 5.76 -22.38 -1.34
C GLN A 199 5.12 -21.30 -2.21
N TYR A 200 4.17 -20.57 -1.66
CA TYR A 200 3.47 -19.55 -2.43
C TYR A 200 4.28 -18.30 -2.69
N ILE A 201 5.24 -18.02 -1.81
CA ILE A 201 6.07 -16.84 -1.99
C ILE A 201 7.15 -17.06 -3.03
N ASP A 202 7.79 -18.22 -3.03
CA ASP A 202 8.80 -18.39 -4.05
C ASP A 202 8.08 -18.58 -5.37
N GLU A 203 6.92 -19.22 -5.35
CA GLU A 203 6.15 -19.41 -6.59
C GLU A 203 5.81 -18.05 -7.22
N LEU A 204 5.58 -17.07 -6.37
CA LEU A 204 5.29 -15.71 -6.80
C LEU A 204 6.51 -15.17 -7.52
N LYS A 205 7.68 -15.43 -6.93
CA LYS A 205 8.95 -14.97 -7.49
C LYS A 205 9.36 -15.75 -8.73
N GLU A 206 8.70 -16.87 -9.00
CA GLU A 206 9.04 -17.65 -10.18
C GLU A 206 8.27 -17.13 -11.41
N THR A 207 6.95 -16.99 -11.27
CA THR A 207 6.11 -16.50 -12.37
C THR A 207 6.39 -15.05 -12.74
N ILE A 208 6.55 -14.21 -11.73
CA ILE A 208 6.86 -12.78 -11.92
C ILE A 208 8.31 -12.62 -11.44
N PRO A 209 9.28 -12.85 -12.34
CA PRO A 209 10.73 -12.77 -12.08
C PRO A 209 11.28 -11.49 -11.44
N PHE A 210 10.65 -10.36 -11.69
CA PHE A 210 11.09 -9.08 -11.11
C PHE A 210 12.33 -8.48 -11.78
N GLU A 211 12.17 -8.03 -13.02
CA GLU A 211 13.24 -7.41 -13.79
C GLU A 211 13.27 -5.92 -13.42
N SER A 212 14.15 -5.16 -14.07
CA SER A 212 14.27 -3.73 -13.78
C SER A 212 13.06 -2.85 -14.07
N SER A 213 12.17 -3.30 -14.96
CA SER A 213 10.98 -2.51 -15.32
C SER A 213 9.66 -3.02 -14.73
N ILE A 214 9.58 -3.05 -13.40
CA ILE A 214 8.39 -3.53 -12.74
C ILE A 214 8.17 -2.83 -11.41
N GLN A 215 6.91 -2.56 -11.09
CA GLN A 215 6.54 -1.90 -9.86
C GLN A 215 5.71 -2.89 -9.06
N SER A 216 6.17 -3.19 -7.85
CA SER A 216 5.48 -4.15 -6.99
C SER A 216 4.80 -3.47 -5.82
N PHE A 217 3.53 -3.79 -5.61
CA PHE A 217 2.79 -3.22 -4.50
C PHE A 217 2.27 -4.35 -3.62
N LEU A 218 2.66 -4.35 -2.35
CA LEU A 218 2.16 -5.37 -1.45
C LEU A 218 0.83 -4.85 -0.92
N VAL A 219 -0.27 -5.32 -1.50
CA VAL A 219 -1.62 -4.90 -1.11
C VAL A 219 -2.12 -5.52 0.20
N LEU A 220 -2.11 -4.75 1.28
CA LEU A 220 -2.59 -5.23 2.58
C LEU A 220 -3.87 -4.49 2.96
N SER A 221 -4.75 -5.14 3.72
CA SER A 221 -6.01 -4.50 4.10
C SER A 221 -5.95 -3.77 5.44
N ALA A 222 -6.22 -2.46 5.44
CA ALA A 222 -6.18 -1.67 6.68
C ALA A 222 -7.04 -2.36 7.71
N THR A 223 -7.89 -3.25 7.23
CA THR A 223 -8.77 -4.01 8.09
C THR A 223 -7.94 -4.96 8.95
N ALA A 224 -6.77 -5.35 8.44
CA ALA A 224 -5.82 -6.28 9.06
C ALA A 224 -5.30 -6.02 10.46
N LYS A 225 -4.98 -7.12 11.14
CA LYS A 225 -4.45 -7.13 12.51
C LYS A 225 -2.95 -6.84 12.49
N TYR A 226 -2.47 -6.05 13.45
CA TYR A 226 -1.05 -5.71 13.46
C TYR A 226 -0.06 -6.86 13.54
N GLU A 227 -0.21 -7.76 14.49
CA GLU A 227 0.75 -8.84 14.59
C GLU A 227 0.66 -9.78 13.38
N ASP A 228 -0.42 -9.67 12.63
CA ASP A 228 -0.58 -10.52 11.46
C ASP A 228 0.18 -9.92 10.29
N MET A 229 0.06 -8.61 10.10
CA MET A 229 0.78 -7.95 9.02
C MET A 229 2.27 -8.01 9.30
N LYS A 230 2.60 -7.99 10.58
CA LYS A 230 3.99 -8.00 11.00
C LYS A 230 4.71 -9.17 10.34
N HIS A 231 4.09 -10.34 10.37
CA HIS A 231 4.70 -11.53 9.79
C HIS A 231 4.67 -11.55 8.27
N ILE A 232 3.52 -11.29 7.66
CA ILE A 232 3.46 -11.30 6.20
C ILE A 232 4.43 -10.30 5.59
N VAL A 233 4.63 -9.18 6.25
CA VAL A 233 5.56 -8.20 5.73
C VAL A 233 6.92 -8.90 5.62
N LYS A 234 7.23 -9.67 6.66
CA LYS A 234 8.48 -10.43 6.76
C LYS A 234 8.61 -11.49 5.67
N ARG A 235 7.60 -12.33 5.52
CA ARG A 235 7.61 -13.39 4.52
C ARG A 235 7.85 -12.81 3.12
N PHE A 236 7.60 -11.51 2.95
CA PHE A 236 7.78 -10.84 1.66
C PHE A 236 9.10 -10.11 1.52
N SER A 237 9.99 -10.29 2.49
CA SER A 237 11.29 -9.64 2.47
C SER A 237 12.11 -10.13 1.28
N SER A 238 11.94 -11.42 0.96
CA SER A 238 12.66 -12.05 -0.13
C SER A 238 12.26 -11.49 -1.50
N VAL A 239 11.15 -10.76 -1.54
CA VAL A 239 10.65 -10.18 -2.78
C VAL A 239 10.72 -8.64 -2.68
N PRO A 240 10.92 -7.96 -3.82
CA PRO A 240 11.02 -6.50 -3.88
C PRO A 240 9.76 -5.63 -3.94
N VAL A 241 9.12 -5.39 -2.81
CA VAL A 241 7.94 -4.53 -2.80
C VAL A 241 8.43 -3.08 -2.79
N ASN A 242 8.07 -2.30 -3.80
CA ASN A 242 8.50 -0.91 -3.86
C ASN A 242 7.60 -0.04 -2.99
N GLN A 243 6.31 -0.38 -2.97
CA GLN A 243 5.30 0.36 -2.22
C GLN A 243 4.23 -0.54 -1.66
N TYR A 244 3.52 -0.03 -0.66
CA TYR A 244 2.40 -0.72 -0.04
C TYR A 244 1.12 -0.19 -0.68
N ILE A 245 0.00 -0.83 -0.34
CA ILE A 245 -1.31 -0.40 -0.78
C ILE A 245 -2.28 -0.84 0.28
N PHE A 246 -2.63 0.06 1.18
CA PHE A 246 -3.58 -0.28 2.23
C PHE A 246 -5.00 -0.03 1.80
N THR A 247 -5.78 -1.09 1.76
CA THR A 247 -7.17 -1.01 1.33
C THR A 247 -8.14 -0.99 2.48
N LYS A 248 -9.39 -0.74 2.13
CA LYS A 248 -10.49 -0.72 3.05
C LYS A 248 -10.28 0.18 4.25
N ILE A 249 -9.71 1.37 4.01
CA ILE A 249 -9.53 2.30 5.11
C ILE A 249 -10.93 2.74 5.53
N ASP A 250 -11.92 2.47 4.68
CA ASP A 250 -13.29 2.85 5.00
C ASP A 250 -13.99 1.77 5.82
N GLU A 251 -13.29 0.69 6.15
CA GLU A 251 -13.91 -0.37 6.94
C GLU A 251 -13.33 -0.50 8.35
N THR A 252 -12.04 -0.22 8.53
CA THR A 252 -11.40 -0.34 9.85
C THR A 252 -11.66 0.85 10.77
N THR A 253 -11.96 0.58 12.03
CA THR A 253 -12.20 1.65 12.99
C THR A 253 -10.99 2.56 13.11
N SER A 254 -9.85 2.01 13.53
CA SER A 254 -8.65 2.82 13.67
C SER A 254 -7.63 2.54 12.58
N LEU A 255 -6.70 3.47 12.41
CA LEU A 255 -5.68 3.34 11.40
C LEU A 255 -4.37 3.18 12.17
N GLY A 256 -4.51 2.86 13.45
CA GLY A 256 -3.35 2.67 14.30
C GLY A 256 -2.50 1.58 13.70
N SER A 257 -2.98 0.34 13.79
CA SER A 257 -2.25 -0.81 13.25
C SER A 257 -1.43 -0.50 12.00
N VAL A 258 -2.03 0.13 11.00
CA VAL A 258 -1.33 0.46 9.77
C VAL A 258 -0.12 1.39 9.98
N PHE A 259 -0.20 2.29 10.95
CA PHE A 259 0.93 3.15 11.21
C PHE A 259 1.97 2.25 11.87
N ASN A 260 1.54 1.45 12.84
CA ASN A 260 2.45 0.54 13.52
C ASN A 260 3.35 -0.16 12.51
N ILE A 261 2.77 -0.80 11.50
CA ILE A 261 3.58 -1.45 10.50
C ILE A 261 4.48 -0.38 9.87
N LEU A 262 3.96 0.44 8.96
CA LEU A 262 4.77 1.47 8.31
C LEU A 262 5.93 2.01 9.17
N ALA A 263 5.65 2.27 10.43
CA ALA A 263 6.67 2.81 11.33
C ALA A 263 7.73 1.79 11.69
N GLU A 264 7.98 0.83 10.80
CA GLU A 264 9.00 -0.17 11.04
C GLU A 264 9.42 -0.87 9.76
N SER A 265 9.31 -0.16 8.65
CA SER A 265 9.74 -0.67 7.36
C SER A 265 10.17 0.52 6.53
N LYS A 266 10.90 0.26 5.46
CA LYS A 266 11.42 1.35 4.64
C LYS A 266 10.57 1.90 3.50
N ILE A 267 9.44 1.27 3.15
CA ILE A 267 8.63 1.80 2.05
C ILE A 267 7.27 2.34 2.45
N GLY A 268 6.90 3.49 1.88
CA GLY A 268 5.62 4.10 2.17
C GLY A 268 4.47 3.54 1.35
N VAL A 269 3.29 4.16 1.46
CA VAL A 269 2.12 3.70 0.72
C VAL A 269 1.99 4.44 -0.61
N GLY A 270 1.52 3.76 -1.65
CA GLY A 270 1.39 4.41 -2.95
C GLY A 270 -0.01 4.88 -3.25
N PHE A 271 -0.97 4.17 -2.67
CA PHE A 271 -2.37 4.48 -2.81
C PHE A 271 -3.03 3.85 -1.62
N MET A 272 -4.23 4.29 -1.36
CA MET A 272 -4.99 3.75 -0.27
C MET A 272 -6.33 3.59 -0.91
N THR A 273 -6.94 2.43 -0.72
CA THR A 273 -8.22 2.14 -1.31
C THR A 273 -9.27 2.30 -0.24
N ASN A 274 -10.25 3.16 -0.49
CA ASN A 274 -11.28 3.42 0.51
C ASN A 274 -12.70 3.09 0.08
N GLY A 275 -12.88 2.17 -0.85
CA GLY A 275 -14.23 1.86 -1.27
C GLY A 275 -14.31 0.79 -2.33
N GLN A 276 -15.53 0.56 -2.81
CA GLN A 276 -15.75 -0.46 -3.81
C GLN A 276 -15.99 0.12 -5.20
N ASN A 277 -16.46 1.36 -5.27
CA ASN A 277 -16.72 1.96 -6.57
C ASN A 277 -15.45 2.07 -7.37
N VAL A 278 -15.55 1.77 -8.66
CA VAL A 278 -14.39 1.82 -9.54
C VAL A 278 -14.70 2.81 -10.66
N PRO A 279 -13.76 3.71 -10.97
CA PRO A 279 -12.44 3.86 -10.35
C PRO A 279 -12.35 5.04 -9.38
N GLU A 280 -13.47 5.45 -8.82
CA GLU A 280 -13.45 6.58 -7.90
C GLU A 280 -12.70 6.34 -6.61
N ASP A 281 -12.98 5.20 -5.95
CA ASP A 281 -12.39 4.90 -4.65
C ASP A 281 -10.97 4.46 -4.46
N ILE A 282 -10.05 5.32 -4.86
CA ILE A 282 -8.64 5.09 -4.66
C ILE A 282 -8.11 6.47 -4.32
N GLN A 283 -6.97 6.54 -3.67
CA GLN A 283 -6.39 7.82 -3.30
C GLN A 283 -4.92 7.65 -3.01
N THR A 284 -4.20 8.77 -2.92
CA THR A 284 -2.78 8.70 -2.61
C THR A 284 -2.56 9.47 -1.33
N VAL A 285 -1.64 9.03 -0.48
CA VAL A 285 -1.44 9.72 0.76
C VAL A 285 0.02 10.09 0.93
N SER A 286 0.29 11.00 1.87
CA SER A 286 1.65 11.44 2.18
C SER A 286 1.79 11.25 3.68
N PRO A 287 3.03 11.01 4.16
CA PRO A 287 3.20 10.81 5.61
C PRO A 287 2.36 11.76 6.44
N LEU A 288 2.52 13.06 6.22
CA LEU A 288 1.75 14.03 6.97
C LEU A 288 0.27 13.72 6.79
N GLY A 289 -0.12 13.53 5.54
CA GLY A 289 -1.50 13.24 5.22
C GLY A 289 -1.99 12.04 6.00
N PHE A 290 -1.36 10.90 5.77
CA PHE A 290 -1.73 9.66 6.46
C PHE A 290 -1.81 9.89 7.96
N VAL A 291 -0.84 10.64 8.48
CA VAL A 291 -0.80 10.92 9.91
C VAL A 291 -2.02 11.73 10.33
N ARG A 292 -2.38 12.75 9.55
CA ARG A 292 -3.54 13.59 9.85
C ARG A 292 -4.82 12.76 9.87
N MET A 293 -4.82 11.72 9.05
CA MET A 293 -5.93 10.79 8.93
C MET A 293 -5.95 9.92 10.18
N LEU A 294 -4.76 9.63 10.68
CA LEU A 294 -4.57 8.79 11.85
C LEU A 294 -5.10 9.45 13.11
N CYS A 295 -4.78 10.73 13.30
CA CYS A 295 -5.25 11.47 14.47
C CYS A 295 -6.78 11.62 14.47
N ARG A 296 -7.43 10.81 13.64
CA ARG A 296 -8.89 10.81 13.50
C ARG A 296 -9.42 12.11 12.89
MG MG B . -8.13 -11.16 -7.04
PG GTP C . -8.27 -12.64 -4.04
O1G GTP C . -9.18 -13.63 -3.52
O2G GTP C . -8.07 -12.66 -5.53
O3G GTP C . -6.94 -12.73 -3.26
O3B GTP C . -9.11 -11.17 -3.67
PB GTP C . -8.64 -9.74 -4.02
O1B GTP C . -7.49 -9.33 -3.18
O2B GTP C . -8.40 -9.69 -5.54
O3A GTP C . -9.98 -9.04 -3.51
PA GTP C . -11.07 -8.33 -4.40
O1A GTP C . -10.48 -7.31 -5.21
O2A GTP C . -11.76 -9.38 -5.20
O5' GTP C . -12.04 -7.64 -3.35
C5' GTP C . -12.76 -8.44 -2.44
C4' GTP C . -13.94 -7.65 -1.89
O4' GTP C . -13.52 -6.49 -1.15
C3' GTP C . -14.89 -7.11 -2.95
O3' GTP C . -16.26 -7.15 -2.47
C2' GTP C . -14.40 -5.72 -3.13
O2' GTP C . -15.31 -4.84 -3.87
C1' GTP C . -14.11 -5.30 -1.68
N9 GTP C . -13.19 -4.15 -1.55
C8 GTP C . -12.02 -3.91 -2.29
N7 GTP C . -11.46 -2.77 -1.90
C5 GTP C . -12.28 -2.25 -0.88
C6 GTP C . -12.21 -1.10 -0.10
O6 GTP C . -11.39 -0.20 -0.11
N1 GTP C . -13.24 -0.91 0.85
C2 GTP C . -14.28 -1.79 1.04
N2 GTP C . -15.23 -1.53 1.99
N3 GTP C . -14.33 -2.89 0.27
C4 GTP C . -13.34 -3.11 -0.67
#